data_1WW9
#
_entry.id   1WW9
#
_cell.length_a   131.914
_cell.length_b   131.914
_cell.length_c   131.914
_cell.angle_alpha   90.00
_cell.angle_beta   90.00
_cell.angle_gamma   90.00
#
_symmetry.space_group_name_H-M   'P 21 3'
#
loop_
_entity.id
_entity.type
_entity.pdbx_description
1 polymer 'terminal oxygenase component of carbazole'
2 non-polymer 'FE (II) ION'
3 non-polymer 'FE2/S2 (INORGANIC) CLUSTER'
4 water water
#
_entity_poly.entity_id   1
_entity_poly.type   'polypeptide(L)'
_entity_poly.pdbx_seq_one_letter_code
;MANVDEAILKRVKGWAPYVDAKLGFRNHWYPVMFSKEINEGEPKTLKLLGENLLVNRIDGKLYCLKDRCLHRGVQLSVKV
ECKTKSTITCWYHAWTYRWEDGVLCDILTNPTSAQIGRQKLKTYPVQEAKGCVFIYLGDGDPPPLARDTPPNFLDDDMEI
LGKNQIIKSNWRLAVENGFDPSHIYIHKDSILVKDNDLALPLGFAPGGDRKQQTRVVDDDVVGRKGVYDLIGEHGVPVFE
GTIGGEVVREGAYGEKIVANDISIWLPGVLKVNPFPNPDMMQFEWYVPIDENTHYYFQTLGKPCANDEERKKYEQEFESK
WKPMALEGFNNDDIWAREAMVDFYADDKGWVNEILFESDEAIVAWRKLASEHNQGIQTQAHVSGLEHHHHHH
;
_entity_poly.pdbx_strand_id   A
#
# COMPACT_ATOMS: atom_id res chain seq x y z
N MET A 1 7.83 4.96 -16.37
CA MET A 1 8.60 5.71 -17.40
C MET A 1 7.67 6.55 -18.28
N ALA A 2 7.90 7.86 -18.30
CA ALA A 2 7.10 8.78 -19.10
C ALA A 2 5.61 8.72 -18.81
N ASN A 3 5.22 9.14 -17.62
CA ASN A 3 3.81 9.18 -17.22
C ASN A 3 3.46 10.64 -16.98
N VAL A 4 4.50 11.46 -16.90
CA VAL A 4 4.35 12.88 -16.63
C VAL A 4 5.09 13.74 -17.66
N ASP A 5 4.56 14.93 -17.88
CA ASP A 5 5.22 15.85 -18.79
C ASP A 5 6.70 15.98 -18.36
N GLU A 6 7.52 15.69 -19.38
CA GLU A 6 8.97 15.82 -19.32
C GLU A 6 9.39 17.20 -18.82
N ALA A 7 8.73 18.24 -19.23
CA ALA A 7 9.00 19.58 -18.60
C ALA A 7 8.82 19.54 -17.07
N ILE A 8 7.80 18.87 -16.55
CA ILE A 8 7.57 18.79 -15.12
C ILE A 8 8.68 18.00 -14.44
N LEU A 9 8.98 16.84 -15.00
CA LEU A 9 10.02 15.97 -14.46
C LEU A 9 11.36 16.68 -14.36
N LYS A 10 11.63 17.57 -15.31
CA LYS A 10 12.89 18.30 -15.30
C LYS A 10 12.94 19.31 -14.16
N ARG A 11 11.80 19.85 -13.78
CA ARG A 11 11.73 20.83 -12.70
C ARG A 11 11.80 20.21 -11.30
N VAL A 12 11.67 18.90 -11.22
CA VAL A 12 11.72 18.23 -9.91
C VAL A 12 12.99 17.40 -9.76
N LYS A 13 14.03 17.78 -10.48
CA LYS A 13 15.32 17.08 -10.42
C LYS A 13 15.55 16.45 -9.06
N GLY A 14 15.73 15.13 -9.06
CA GLY A 14 15.93 14.42 -7.81
C GLY A 14 14.75 13.49 -7.56
N TRP A 15 13.54 14.04 -7.50
CA TRP A 15 12.35 13.23 -7.27
C TRP A 15 11.67 12.86 -8.58
N ALA A 16 12.36 13.05 -9.70
CA ALA A 16 11.78 12.74 -10.99
C ALA A 16 11.13 11.36 -11.07
N PRO A 17 11.84 10.30 -10.63
CA PRO A 17 11.27 8.96 -10.69
C PRO A 17 9.97 8.84 -9.87
N TYR A 18 9.98 9.40 -8.68
CA TYR A 18 8.82 9.37 -7.79
C TYR A 18 7.64 10.13 -8.40
N VAL A 19 7.93 11.31 -8.95
CA VAL A 19 6.88 12.12 -9.56
C VAL A 19 6.32 11.45 -10.82
N ASP A 20 7.16 10.66 -11.49
CA ASP A 20 6.72 9.99 -12.69
C ASP A 20 5.94 8.70 -12.37
N ALA A 21 6.10 8.21 -11.15
CA ALA A 21 5.46 6.96 -10.71
C ALA A 21 3.98 7.08 -10.34
N LYS A 22 3.21 7.69 -11.22
CA LYS A 22 1.78 7.88 -11.00
C LYS A 22 1.02 6.57 -10.84
N LEU A 23 1.49 5.53 -11.53
CA LEU A 23 0.85 4.22 -11.50
C LEU A 23 1.46 3.27 -10.48
N GLY A 24 2.46 3.75 -9.74
CA GLY A 24 3.11 2.91 -8.75
C GLY A 24 4.43 2.31 -9.21
N PHE A 25 5.10 1.60 -8.31
CA PHE A 25 6.37 0.97 -8.61
C PHE A 25 6.21 -0.51 -8.96
N ARG A 26 6.69 -0.89 -10.13
CA ARG A 26 6.62 -2.28 -10.57
C ARG A 26 7.71 -3.07 -9.85
N ASN A 27 7.55 -4.39 -9.81
CA ASN A 27 8.52 -5.29 -9.18
C ASN A 27 8.60 -5.19 -7.64
N HIS A 28 7.44 -5.06 -7.01
CA HIS A 28 7.33 -5.01 -5.56
C HIS A 28 6.12 -5.86 -5.18
N TRP A 29 6.09 -6.32 -3.93
CA TRP A 29 4.98 -7.11 -3.40
C TRP A 29 3.93 -6.14 -2.85
N TYR A 30 2.67 -6.43 -3.08
CA TYR A 30 1.57 -5.58 -2.60
C TYR A 30 0.42 -6.42 -2.05
N PRO A 31 -0.11 -6.03 -0.87
CA PRO A 31 -1.23 -6.77 -0.30
C PRO A 31 -2.49 -6.29 -1.02
N VAL A 32 -3.43 -7.18 -1.32
CA VAL A 32 -4.64 -6.76 -2.03
C VAL A 32 -5.94 -7.23 -1.38
N MET A 33 -5.84 -8.18 -0.46
CA MET A 33 -7.02 -8.69 0.24
C MET A 33 -6.55 -9.58 1.38
N PHE A 34 -7.50 -10.00 2.20
CA PHE A 34 -7.17 -10.88 3.32
C PHE A 34 -7.45 -12.31 2.90
N SER A 35 -6.64 -13.24 3.41
CA SER A 35 -6.79 -14.65 3.06
C SER A 35 -8.22 -15.16 3.19
N LYS A 36 -8.90 -14.76 4.25
CA LYS A 36 -10.27 -15.22 4.49
C LYS A 36 -11.27 -14.76 3.44
N GLU A 37 -10.87 -13.81 2.59
CA GLU A 37 -11.78 -13.30 1.57
C GLU A 37 -11.82 -14.13 0.30
N ILE A 38 -10.91 -15.07 0.15
CA ILE A 38 -10.90 -15.90 -1.05
C ILE A 38 -10.90 -17.39 -0.69
N ASN A 39 -11.96 -18.08 -1.07
CA ASN A 39 -12.10 -19.49 -0.78
C ASN A 39 -11.72 -20.39 -1.94
N GLU A 40 -11.56 -21.67 -1.64
CA GLU A 40 -11.22 -22.69 -2.63
C GLU A 40 -12.17 -22.64 -3.81
N GLY A 41 -11.60 -22.60 -5.02
CA GLY A 41 -12.41 -22.58 -6.24
C GLY A 41 -13.34 -21.41 -6.46
N GLU A 42 -13.10 -20.28 -5.79
CA GLU A 42 -13.95 -19.11 -5.98
C GLU A 42 -13.10 -17.92 -6.43
N PRO A 43 -12.84 -17.83 -7.75
CA PRO A 43 -12.03 -16.77 -8.35
C PRO A 43 -12.48 -15.36 -7.97
N LYS A 44 -11.51 -14.47 -7.79
CA LYS A 44 -11.77 -13.08 -7.45
C LYS A 44 -11.05 -12.17 -8.43
N THR A 45 -11.66 -11.03 -8.76
CA THR A 45 -11.04 -10.08 -9.67
C THR A 45 -10.62 -8.82 -8.90
N LEU A 46 -9.59 -8.15 -9.40
CA LEU A 46 -9.10 -6.92 -8.79
C LEU A 46 -8.17 -6.24 -9.78
N LYS A 47 -7.93 -4.94 -9.57
CA LYS A 47 -7.03 -4.19 -10.42
C LYS A 47 -5.87 -3.73 -9.54
N LEU A 48 -4.65 -4.00 -10.00
CA LEU A 48 -3.43 -3.65 -9.27
C LEU A 48 -2.46 -2.99 -10.23
N LEU A 49 -2.00 -1.79 -9.87
CA LEU A 49 -1.09 -1.03 -10.73
C LEU A 49 -1.67 -0.88 -12.14
N GLY A 50 -3.00 -0.76 -12.20
CA GLY A 50 -3.68 -0.58 -13.47
C GLY A 50 -3.99 -1.85 -14.24
N GLU A 51 -3.50 -2.98 -13.77
CA GLU A 51 -3.72 -4.26 -14.45
C GLU A 51 -4.85 -5.07 -13.81
N ASN A 52 -5.76 -5.57 -14.64
CA ASN A 52 -6.88 -6.38 -14.18
C ASN A 52 -6.34 -7.78 -13.92
N LEU A 53 -6.54 -8.28 -12.71
CA LEU A 53 -6.04 -9.60 -12.34
C LEU A 53 -7.12 -10.53 -11.81
N LEU A 54 -6.84 -11.83 -11.91
CA LEU A 54 -7.72 -12.87 -11.42
C LEU A 54 -6.92 -13.70 -10.42
N VAL A 55 -7.52 -13.98 -9.27
CA VAL A 55 -6.86 -14.79 -8.25
C VAL A 55 -7.78 -15.96 -7.89
N ASN A 56 -7.20 -17.13 -7.72
CA ASN A 56 -7.99 -18.31 -7.37
C ASN A 56 -7.24 -19.15 -6.35
N ARG A 57 -7.98 -19.91 -5.55
CA ARG A 57 -7.36 -20.79 -4.55
C ARG A 57 -7.64 -22.21 -5.03
N ILE A 58 -6.57 -22.95 -5.30
CA ILE A 58 -6.70 -24.32 -5.78
C ILE A 58 -5.88 -25.24 -4.88
N ASP A 59 -6.57 -26.18 -4.24
CA ASP A 59 -5.93 -27.09 -3.30
C ASP A 59 -5.25 -26.25 -2.21
N GLY A 60 -5.95 -25.19 -1.80
CA GLY A 60 -5.44 -24.31 -0.77
C GLY A 60 -4.40 -23.27 -1.17
N LYS A 61 -3.82 -23.41 -2.37
CA LYS A 61 -2.80 -22.47 -2.82
C LYS A 61 -3.35 -21.40 -3.76
N LEU A 62 -2.80 -20.18 -3.64
CA LEU A 62 -3.25 -19.08 -4.48
C LEU A 62 -2.48 -18.95 -5.78
N TYR A 63 -3.20 -18.58 -6.84
CA TYR A 63 -2.63 -18.40 -8.17
C TYR A 63 -3.17 -17.09 -8.73
N CYS A 64 -2.36 -16.41 -9.54
CA CYS A 64 -2.78 -15.13 -10.11
C CYS A 64 -2.53 -15.07 -11.61
N LEU A 65 -3.58 -14.77 -12.37
CA LEU A 65 -3.52 -14.66 -13.82
C LEU A 65 -4.00 -13.29 -14.27
N LYS A 66 -3.47 -12.82 -15.40
CA LYS A 66 -3.87 -11.54 -15.97
C LYS A 66 -5.31 -11.75 -16.46
N ASP A 67 -6.23 -10.90 -16.02
CA ASP A 67 -7.63 -11.01 -16.41
C ASP A 67 -7.86 -10.35 -17.78
N ARG A 68 -7.27 -10.94 -18.81
CA ARG A 68 -7.42 -10.43 -20.18
C ARG A 68 -7.03 -11.54 -21.13
N CYS A 69 -8.01 -12.04 -21.88
CA CYS A 69 -7.77 -13.11 -22.82
C CYS A 69 -6.81 -12.64 -23.92
N LEU A 70 -5.91 -13.53 -24.34
CA LEU A 70 -4.93 -13.21 -25.38
C LEU A 70 -5.56 -13.03 -26.76
N HIS A 71 -6.73 -13.64 -26.95
CA HIS A 71 -7.43 -13.61 -28.23
C HIS A 71 -7.98 -12.23 -28.62
N ARG A 72 -9.13 -11.86 -28.04
CA ARG A 72 -9.73 -10.57 -28.36
C ARG A 72 -9.68 -9.56 -27.21
N GLY A 73 -8.86 -9.87 -26.19
CA GLY A 73 -8.69 -8.95 -25.07
C GLY A 73 -9.82 -8.73 -24.09
N VAL A 74 -10.78 -9.63 -24.03
CA VAL A 74 -11.88 -9.49 -23.08
C VAL A 74 -11.44 -9.98 -21.70
N GLN A 75 -12.14 -9.53 -20.67
CA GLN A 75 -11.83 -10.00 -19.33
C GLN A 75 -12.48 -11.37 -19.19
N LEU A 76 -11.69 -12.36 -18.77
CA LEU A 76 -12.21 -13.71 -18.59
C LEU A 76 -13.31 -13.67 -17.52
N SER A 77 -13.16 -12.76 -16.57
CA SER A 77 -14.10 -12.62 -15.47
C SER A 77 -15.52 -12.18 -15.81
N VAL A 78 -15.77 -11.75 -17.04
CA VAL A 78 -17.13 -11.34 -17.41
C VAL A 78 -18.06 -12.53 -17.15
N LYS A 79 -17.57 -13.73 -17.45
CA LYS A 79 -18.31 -14.95 -17.23
C LYS A 79 -17.28 -16.05 -16.99
N VAL A 80 -16.97 -16.29 -15.72
CA VAL A 80 -15.97 -17.27 -15.34
C VAL A 80 -16.39 -18.70 -15.65
N GLU A 81 -15.51 -19.42 -16.34
CA GLU A 81 -15.75 -20.81 -16.68
C GLU A 81 -14.53 -21.65 -16.28
N CYS A 82 -14.54 -22.19 -15.07
CA CYS A 82 -13.45 -23.04 -14.62
C CYS A 82 -13.98 -24.46 -14.78
N LYS A 83 -13.61 -25.10 -15.88
CA LYS A 83 -14.09 -26.43 -16.20
C LYS A 83 -13.28 -27.60 -15.65
N THR A 84 -12.05 -27.34 -15.22
CA THR A 84 -11.21 -28.36 -14.58
C THR A 84 -10.55 -27.58 -13.45
N LYS A 85 -10.19 -28.28 -12.39
CA LYS A 85 -9.58 -27.64 -11.24
C LYS A 85 -8.34 -26.80 -11.60
N SER A 86 -7.56 -27.27 -12.56
CA SER A 86 -6.33 -26.57 -12.93
C SER A 86 -6.42 -25.51 -14.03
N THR A 87 -7.61 -25.30 -14.58
CA THR A 87 -7.74 -24.34 -15.68
C THR A 87 -8.92 -23.36 -15.61
N ILE A 88 -8.91 -22.41 -16.54
CA ILE A 88 -9.99 -21.45 -16.70
C ILE A 88 -10.18 -21.31 -18.20
N THR A 89 -11.43 -21.35 -18.64
CA THR A 89 -11.78 -21.27 -20.04
C THR A 89 -12.48 -19.95 -20.35
N CYS A 90 -11.95 -19.20 -21.31
CA CYS A 90 -12.56 -17.92 -21.69
C CYS A 90 -13.96 -18.22 -22.20
N TRP A 91 -14.91 -17.38 -21.78
CA TRP A 91 -16.31 -17.54 -22.16
C TRP A 91 -16.62 -17.28 -23.62
N TYR A 92 -15.73 -16.55 -24.29
CA TYR A 92 -15.96 -16.15 -25.69
C TYR A 92 -15.70 -17.24 -26.72
N HIS A 93 -14.44 -17.66 -26.88
CA HIS A 93 -14.10 -18.71 -27.84
C HIS A 93 -13.41 -19.90 -27.18
N ALA A 94 -13.55 -19.99 -25.86
CA ALA A 94 -13.02 -21.09 -25.07
C ALA A 94 -11.51 -21.36 -25.06
N TRP A 95 -10.70 -20.31 -25.21
CA TRP A 95 -9.25 -20.50 -25.12
C TRP A 95 -9.08 -20.86 -23.65
N THR A 96 -8.38 -21.96 -23.37
CA THR A 96 -8.22 -22.43 -22.00
C THR A 96 -6.80 -22.34 -21.48
N TYR A 97 -6.67 -21.72 -20.31
CA TYR A 97 -5.38 -21.48 -19.67
C TYR A 97 -5.18 -22.20 -18.34
N ARG A 98 -3.94 -22.59 -18.06
CA ARG A 98 -3.61 -23.26 -16.81
C ARG A 98 -3.33 -22.17 -15.77
N TRP A 99 -3.88 -22.32 -14.56
CA TRP A 99 -3.65 -21.35 -13.50
C TRP A 99 -2.19 -21.36 -13.06
N GLU A 100 -1.59 -22.55 -13.07
CA GLU A 100 -0.21 -22.72 -12.63
C GLU A 100 0.86 -21.95 -13.39
N ASP A 101 0.74 -21.91 -14.72
CA ASP A 101 1.74 -21.20 -15.53
C ASP A 101 1.17 -20.32 -16.63
N GLY A 102 -0.16 -20.24 -16.70
CA GLY A 102 -0.80 -19.41 -17.70
C GLY A 102 -0.78 -19.93 -19.13
N VAL A 103 -0.21 -21.11 -19.34
CA VAL A 103 -0.13 -21.65 -20.70
C VAL A 103 -1.50 -21.97 -21.30
N LEU A 104 -1.65 -21.64 -22.58
CA LEU A 104 -2.86 -21.93 -23.34
C LEU A 104 -2.74 -23.42 -23.65
N CYS A 105 -3.46 -24.25 -22.90
CA CYS A 105 -3.38 -25.71 -23.07
C CYS A 105 -4.43 -26.37 -23.95
N ASP A 106 -5.52 -25.66 -24.24
CA ASP A 106 -6.61 -26.18 -25.06
C ASP A 106 -7.47 -25.02 -25.56
N ILE A 107 -8.21 -25.28 -26.63
CA ILE A 107 -9.18 -24.31 -27.18
C ILE A 107 -10.38 -25.16 -27.57
N LEU A 108 -11.43 -25.11 -26.76
CA LEU A 108 -12.62 -25.91 -27.01
C LEU A 108 -13.27 -25.72 -28.38
N THR A 109 -13.21 -24.51 -28.91
CA THR A 109 -13.81 -24.23 -30.22
C THR A 109 -12.98 -24.73 -31.39
N ASN A 110 -11.75 -25.16 -31.12
CA ASN A 110 -10.87 -25.68 -32.19
C ASN A 110 -9.70 -26.41 -31.56
N PRO A 111 -9.89 -27.68 -31.20
CA PRO A 111 -8.82 -28.47 -30.58
C PRO A 111 -7.62 -28.74 -31.50
N THR A 112 -7.71 -28.27 -32.75
CA THR A 112 -6.61 -28.46 -33.69
C THR A 112 -5.86 -27.16 -33.95
N SER A 113 -6.24 -26.09 -33.26
CA SER A 113 -5.59 -24.80 -33.46
C SER A 113 -4.08 -24.86 -33.23
N ALA A 114 -3.34 -24.18 -34.10
CA ALA A 114 -1.89 -24.13 -34.00
C ALA A 114 -1.44 -23.27 -32.81
N GLN A 115 -2.37 -22.53 -32.22
CA GLN A 115 -2.04 -21.68 -31.08
C GLN A 115 -1.88 -22.47 -29.78
N ILE A 116 -2.50 -23.64 -29.72
CA ILE A 116 -2.45 -24.46 -28.51
C ILE A 116 -1.03 -24.82 -28.08
N GLY A 117 -0.70 -24.48 -26.84
CA GLY A 117 0.62 -24.75 -26.30
C GLY A 117 1.67 -23.76 -26.73
N ARG A 118 1.29 -22.84 -27.62
CA ARG A 118 2.23 -21.85 -28.15
C ARG A 118 1.97 -20.40 -27.69
N GLN A 119 1.10 -20.23 -26.69
CA GLN A 119 0.80 -18.92 -26.14
C GLN A 119 0.71 -19.05 -24.62
N LYS A 120 0.91 -17.95 -23.91
CA LYS A 120 0.90 -17.98 -22.45
C LYS A 120 0.40 -16.66 -21.87
N LEU A 121 -0.55 -16.76 -20.96
CA LEU A 121 -1.12 -15.59 -20.30
C LEU A 121 -0.15 -15.19 -19.18
N LYS A 122 -0.03 -13.88 -18.93
CA LYS A 122 0.86 -13.39 -17.88
C LYS A 122 0.41 -13.88 -16.50
N THR A 123 1.36 -14.30 -15.66
CA THR A 123 1.04 -14.74 -14.30
C THR A 123 1.90 -13.95 -13.32
N TYR A 124 1.44 -13.83 -12.09
CA TYR A 124 2.18 -13.11 -11.06
C TYR A 124 2.25 -13.94 -9.79
N PRO A 125 3.39 -13.92 -9.10
CA PRO A 125 3.53 -14.69 -7.86
C PRO A 125 2.54 -14.16 -6.82
N VAL A 126 2.03 -15.06 -5.99
CA VAL A 126 1.09 -14.70 -4.94
C VAL A 126 1.53 -15.42 -3.67
N GLN A 127 1.52 -14.71 -2.55
CA GLN A 127 1.93 -15.31 -1.29
C GLN A 127 1.03 -14.84 -0.17
N GLU A 128 0.72 -15.75 0.75
CA GLU A 128 -0.12 -15.43 1.89
C GLU A 128 0.77 -15.37 3.12
N ALA A 129 0.61 -14.33 3.92
CA ALA A 129 1.40 -14.17 5.13
C ALA A 129 0.62 -13.33 6.12
N LYS A 130 0.53 -13.80 7.35
CA LYS A 130 -0.19 -13.09 8.40
C LYS A 130 -1.64 -12.88 7.99
N GLY A 131 -2.19 -13.84 7.26
CA GLY A 131 -3.56 -13.74 6.82
C GLY A 131 -3.80 -12.70 5.73
N CYS A 132 -2.72 -12.23 5.12
CA CYS A 132 -2.82 -11.23 4.05
C CYS A 132 -2.35 -11.79 2.72
N VAL A 133 -3.04 -11.42 1.64
CA VAL A 133 -2.68 -11.89 0.31
C VAL A 133 -1.80 -10.86 -0.41
N PHE A 134 -0.56 -11.25 -0.67
CA PHE A 134 0.40 -10.38 -1.37
C PHE A 134 0.62 -10.86 -2.79
N ILE A 135 0.63 -9.91 -3.73
CA ILE A 135 0.88 -10.24 -5.13
C ILE A 135 2.14 -9.51 -5.54
N TYR A 136 3.06 -10.22 -6.20
CA TYR A 136 4.28 -9.60 -6.66
C TYR A 136 3.98 -9.08 -8.06
N LEU A 137 3.65 -7.80 -8.16
CA LEU A 137 3.34 -7.21 -9.46
C LEU A 137 4.66 -6.86 -10.12
N GLY A 138 5.29 -7.88 -10.70
CA GLY A 138 6.58 -7.68 -11.34
C GLY A 138 6.96 -8.86 -12.21
N ASP A 139 8.13 -8.78 -12.82
CA ASP A 139 8.62 -9.83 -13.72
C ASP A 139 9.83 -10.55 -13.14
N GLY A 140 10.02 -11.81 -13.53
CA GLY A 140 11.14 -12.57 -13.05
C GLY A 140 10.93 -13.10 -11.64
N ASP A 141 11.93 -13.83 -11.12
CA ASP A 141 11.84 -14.40 -9.77
C ASP A 141 11.68 -13.30 -8.72
N PRO A 142 10.66 -13.42 -7.86
CA PRO A 142 10.40 -12.43 -6.82
C PRO A 142 11.39 -12.49 -5.65
N PRO A 143 11.64 -11.35 -5.01
CA PRO A 143 12.55 -11.29 -3.88
C PRO A 143 11.78 -11.75 -2.65
N PRO A 144 12.44 -11.87 -1.49
CA PRO A 144 11.71 -12.31 -0.30
C PRO A 144 10.66 -11.25 0.03
N LEU A 145 9.51 -11.70 0.52
CA LEU A 145 8.43 -10.78 0.88
C LEU A 145 8.92 -9.77 1.92
N ALA A 146 9.84 -10.23 2.77
CA ALA A 146 10.38 -9.38 3.84
C ALA A 146 10.96 -8.08 3.32
N ARG A 147 11.49 -8.08 2.09
CA ARG A 147 12.08 -6.87 1.54
C ARG A 147 11.07 -5.74 1.42
N ASP A 148 9.81 -6.10 1.13
CA ASP A 148 8.74 -5.11 0.95
C ASP A 148 7.75 -4.99 2.10
N THR A 149 8.18 -5.32 3.31
CA THR A 149 7.32 -5.21 4.48
C THR A 149 8.08 -4.48 5.58
N PRO A 150 7.37 -3.85 6.54
CA PRO A 150 8.06 -3.14 7.61
C PRO A 150 8.64 -4.12 8.62
N PRO A 151 9.63 -3.67 9.40
CA PRO A 151 10.21 -4.58 10.39
C PRO A 151 9.12 -5.00 11.39
N ASN A 152 9.20 -6.26 11.78
CA ASN A 152 8.39 -6.94 12.75
C ASN A 152 6.98 -7.28 12.31
N PHE A 153 6.63 -6.92 11.07
CA PHE A 153 5.36 -7.39 10.50
C PHE A 153 5.29 -8.91 10.42
N LEU A 154 6.38 -9.54 10.04
CA LEU A 154 6.43 -10.98 9.86
C LEU A 154 6.86 -11.79 11.09
N ASP A 155 7.04 -11.13 12.24
CA ASP A 155 7.44 -11.84 13.45
C ASP A 155 6.45 -12.97 13.75
N ASP A 156 6.98 -14.15 14.05
CA ASP A 156 6.14 -15.31 14.34
C ASP A 156 4.96 -15.05 15.27
N ASP A 157 5.23 -14.42 16.41
CA ASP A 157 4.19 -14.15 17.40
C ASP A 157 3.33 -12.93 17.11
N MET A 158 3.71 -12.16 16.09
CA MET A 158 2.96 -10.96 15.73
C MET A 158 1.62 -11.34 15.11
N GLU A 159 0.53 -11.05 15.83
CA GLU A 159 -0.80 -11.37 15.33
C GLU A 159 -1.34 -10.18 14.54
N ILE A 160 -1.65 -10.41 13.27
CA ILE A 160 -2.16 -9.36 12.40
C ILE A 160 -3.65 -9.45 12.08
N LEU A 161 -4.33 -8.32 12.21
CA LEU A 161 -5.77 -8.21 11.91
C LEU A 161 -5.93 -6.88 11.18
N GLY A 162 -6.88 -6.79 10.27
CA GLY A 162 -7.04 -5.54 9.54
C GLY A 162 -8.33 -5.30 8.79
N LYS A 163 -8.28 -4.28 7.94
CA LYS A 163 -9.40 -3.85 7.13
C LYS A 163 -8.84 -3.28 5.82
N ASN A 164 -9.60 -3.40 4.75
CA ASN A 164 -9.14 -2.89 3.45
C ASN A 164 -10.31 -2.24 2.74
N GLN A 165 -10.03 -1.19 1.97
CA GLN A 165 -11.07 -0.50 1.23
C GLN A 165 -10.44 0.31 0.10
N ILE A 166 -11.25 0.73 -0.86
CA ILE A 166 -10.77 1.51 -1.99
C ILE A 166 -10.99 3.01 -1.74
N ILE A 167 -9.93 3.79 -1.89
CA ILE A 167 -9.99 5.23 -1.67
C ILE A 167 -9.68 5.99 -2.95
N LYS A 168 -10.43 7.06 -3.19
CA LYS A 168 -10.24 7.86 -4.39
C LYS A 168 -9.18 8.96 -4.31
N SER A 169 -7.92 8.55 -4.39
CA SER A 169 -6.79 9.48 -4.42
C SER A 169 -5.60 8.67 -4.91
N ASN A 170 -4.65 9.35 -5.53
CA ASN A 170 -3.45 8.69 -6.00
C ASN A 170 -2.75 8.12 -4.76
N TRP A 171 -2.07 6.99 -4.91
CA TRP A 171 -1.40 6.36 -3.78
C TRP A 171 -0.36 7.22 -3.07
N ARG A 172 0.33 8.09 -3.81
CA ARG A 172 1.36 8.94 -3.21
C ARG A 172 0.81 9.98 -2.23
N LEU A 173 -0.39 10.47 -2.50
CA LEU A 173 -0.99 11.46 -1.60
C LEU A 173 -1.28 10.75 -0.27
N ALA A 174 -1.61 9.47 -0.36
CA ALA A 174 -1.89 8.68 0.83
C ALA A 174 -0.61 8.44 1.63
N VAL A 175 0.47 8.09 0.94
CA VAL A 175 1.74 7.84 1.61
C VAL A 175 2.23 9.09 2.34
N GLU A 176 2.25 10.20 1.62
CA GLU A 176 2.73 11.45 2.21
C GLU A 176 1.91 11.89 3.41
N ASN A 177 0.59 11.78 3.32
CA ASN A 177 -0.25 12.16 4.45
C ASN A 177 0.08 11.27 5.64
N GLY A 178 0.28 9.98 5.38
CA GLY A 178 0.59 9.06 6.47
C GLY A 178 1.90 9.35 7.17
N PHE A 179 2.91 9.76 6.42
CA PHE A 179 4.24 10.03 6.95
C PHE A 179 4.47 11.51 7.30
N ASP A 180 3.41 12.31 7.17
CA ASP A 180 3.42 13.75 7.43
C ASP A 180 3.44 14.04 8.94
N PRO A 181 4.58 14.51 9.48
CA PRO A 181 4.65 14.79 10.92
C PRO A 181 3.60 15.76 11.48
N SER A 182 3.37 16.86 10.77
CA SER A 182 2.43 17.86 11.23
C SER A 182 0.95 17.61 10.94
N HIS A 183 0.64 16.62 10.10
CA HIS A 183 -0.76 16.36 9.79
C HIS A 183 -1.54 15.89 11.01
N ILE A 184 -0.82 15.58 12.08
CA ILE A 184 -1.44 15.14 13.32
C ILE A 184 -2.52 16.13 13.78
N TYR A 185 -2.40 17.38 13.32
CA TYR A 185 -3.37 18.42 13.65
C TYR A 185 -4.80 18.02 13.27
N ILE A 186 -4.96 17.25 12.18
CA ILE A 186 -6.30 16.84 11.76
C ILE A 186 -6.92 15.80 12.68
N HIS A 187 -6.11 15.18 13.52
CA HIS A 187 -6.57 14.14 14.44
C HIS A 187 -6.87 14.67 15.85
N LYS A 188 -6.74 15.97 16.05
CA LYS A 188 -6.96 16.58 17.36
C LYS A 188 -8.32 16.31 18.01
N ASP A 189 -9.35 16.03 17.20
CA ASP A 189 -10.68 15.76 17.75
C ASP A 189 -11.12 14.30 17.61
N SER A 190 -10.17 13.41 17.31
CA SER A 190 -10.49 12.00 17.15
C SER A 190 -11.03 11.37 18.44
N ILE A 191 -12.07 10.56 18.31
CA ILE A 191 -12.66 9.91 19.47
C ILE A 191 -11.63 9.03 20.16
N LEU A 192 -10.64 8.56 19.40
CA LEU A 192 -9.59 7.72 19.95
C LEU A 192 -8.77 8.46 21.00
N VAL A 193 -8.52 9.75 20.74
CA VAL A 193 -7.73 10.56 21.65
C VAL A 193 -8.35 10.61 23.05
N LYS A 194 -9.64 10.92 23.10
CA LYS A 194 -10.36 10.99 24.36
C LYS A 194 -10.60 9.60 24.95
N ASP A 195 -11.30 8.76 24.19
CA ASP A 195 -11.64 7.41 24.64
C ASP A 195 -10.48 6.49 24.98
N ASN A 196 -9.27 6.79 24.49
CA ASN A 196 -8.14 5.94 24.83
C ASN A 196 -7.08 6.72 25.59
N ASP A 197 -7.51 7.85 26.16
CA ASP A 197 -6.64 8.70 26.96
C ASP A 197 -5.23 8.90 26.37
N LEU A 198 -5.18 9.32 25.12
CA LEU A 198 -3.90 9.53 24.46
C LEU A 198 -3.29 10.91 24.69
N ALA A 199 -1.96 10.96 24.60
CA ALA A 199 -1.23 12.20 24.71
C ALA A 199 -1.01 12.52 23.23
N LEU A 200 -1.46 13.68 22.76
CA LEU A 200 -1.30 14.01 21.35
C LEU A 200 -1.06 15.49 21.11
N PRO A 201 0.16 15.85 20.66
CA PRO A 201 0.45 17.26 20.41
C PRO A 201 -0.24 17.74 19.13
N LEU A 202 -0.24 19.05 18.92
CA LEU A 202 -0.84 19.64 17.72
C LEU A 202 0.20 19.65 16.59
N GLY A 203 1.46 19.66 16.98
CA GLY A 203 2.54 19.69 16.01
C GLY A 203 3.90 19.62 16.67
N PHE A 204 4.93 20.12 15.97
CA PHE A 204 6.29 20.08 16.50
C PHE A 204 7.11 21.30 16.12
N ALA A 205 8.00 21.70 17.02
CA ALA A 205 8.92 22.81 16.80
C ALA A 205 10.24 22.07 16.60
N PRO A 206 10.67 21.89 15.34
CA PRO A 206 11.90 21.20 14.96
C PRO A 206 13.17 21.72 15.63
N GLY A 207 14.10 20.81 15.88
CA GLY A 207 15.37 21.18 16.49
C GLY A 207 16.48 20.40 15.79
N GLY A 208 17.71 20.89 15.90
CA GLY A 208 18.83 20.20 15.26
C GLY A 208 18.95 20.55 13.80
N ASP A 209 19.75 19.77 13.06
CA ASP A 209 19.94 20.04 11.64
C ASP A 209 19.00 19.19 10.77
N ARG A 210 19.04 19.45 9.47
CA ARG A 210 18.21 18.75 8.51
C ARG A 210 18.36 17.24 8.55
N LYS A 211 19.59 16.76 8.43
CA LYS A 211 19.87 15.33 8.45
C LYS A 211 19.35 14.64 9.69
N GLN A 212 19.27 15.38 10.80
CA GLN A 212 18.80 14.83 12.05
C GLN A 212 17.29 14.62 12.11
N GLN A 213 16.57 15.19 11.17
CA GLN A 213 15.10 15.06 11.16
C GLN A 213 14.62 13.66 10.80
N THR A 214 15.45 12.89 10.12
CA THR A 214 15.07 11.54 9.70
C THR A 214 16.26 10.57 9.74
N ARG A 215 15.95 9.30 9.51
CA ARG A 215 16.97 8.27 9.44
C ARG A 215 16.62 7.44 8.21
N VAL A 216 17.43 7.58 7.17
CA VAL A 216 17.23 6.83 5.94
C VAL A 216 17.83 5.45 6.08
N VAL A 217 16.99 4.42 6.00
CA VAL A 217 17.44 3.04 6.14
C VAL A 217 17.64 2.39 4.77
N ASP A 218 18.89 2.18 4.39
CA ASP A 218 19.19 1.55 3.11
C ASP A 218 20.28 0.51 3.31
N ASP A 219 20.39 0.03 4.55
CA ASP A 219 21.39 -0.97 4.91
C ASP A 219 20.74 -2.10 5.70
N ASP A 220 19.43 -2.28 5.54
CA ASP A 220 18.73 -3.34 6.25
C ASP A 220 19.15 -4.68 5.66
N VAL A 221 19.36 -5.66 6.53
CA VAL A 221 19.81 -6.99 6.11
C VAL A 221 18.90 -7.69 5.09
N VAL A 222 17.59 -7.51 5.21
CA VAL A 222 16.66 -8.15 4.28
C VAL A 222 16.37 -7.31 3.04
N GLY A 223 17.05 -6.18 2.93
CA GLY A 223 16.84 -5.33 1.76
C GLY A 223 15.80 -4.22 1.89
N ARG A 224 15.10 -4.16 3.02
CA ARG A 224 14.08 -3.11 3.21
C ARG A 224 14.69 -1.74 2.95
N LYS A 225 13.87 -0.83 2.44
CA LYS A 225 14.30 0.54 2.17
C LYS A 225 13.23 1.47 2.71
N GLY A 226 13.59 2.32 3.66
CA GLY A 226 12.61 3.22 4.23
C GLY A 226 13.21 4.41 4.97
N VAL A 227 12.34 5.18 5.63
CA VAL A 227 12.75 6.36 6.38
C VAL A 227 12.02 6.48 7.71
N TYR A 228 12.76 6.84 8.75
CA TYR A 228 12.17 7.03 10.08
C TYR A 228 11.98 8.52 10.30
N ASP A 229 10.88 8.89 10.95
CA ASP A 229 10.57 10.28 11.27
C ASP A 229 11.13 10.56 12.66
N LEU A 230 12.22 11.31 12.71
CA LEU A 230 12.89 11.62 13.98
C LEU A 230 12.70 13.08 14.41
N ILE A 231 11.61 13.69 13.98
CA ILE A 231 11.35 15.08 14.33
C ILE A 231 11.26 15.31 15.84
N GLY A 232 10.92 14.24 16.57
CA GLY A 232 10.79 14.36 18.01
C GLY A 232 12.06 14.22 18.84
N GLU A 233 13.18 13.88 18.20
CA GLU A 233 14.42 13.70 18.94
C GLU A 233 15.08 15.02 19.36
N HIS A 234 14.97 16.03 18.51
CA HIS A 234 15.56 17.33 18.80
C HIS A 234 14.49 18.41 18.86
N GLY A 235 13.29 18.07 18.42
CA GLY A 235 12.21 19.02 18.41
C GLY A 235 11.38 18.97 19.68
N VAL A 236 10.62 20.04 19.91
CA VAL A 236 9.75 20.13 21.07
C VAL A 236 8.31 20.05 20.57
N PRO A 237 7.49 19.17 21.18
CA PRO A 237 6.09 19.04 20.75
C PRO A 237 5.28 20.30 21.07
N VAL A 238 4.35 20.63 20.19
CA VAL A 238 3.51 21.80 20.37
C VAL A 238 2.16 21.38 20.94
N PHE A 239 1.84 21.86 22.15
CA PHE A 239 0.57 21.53 22.78
C PHE A 239 -0.34 22.75 22.88
N GLU A 240 0.21 23.94 22.61
CA GLU A 240 -0.57 25.16 22.66
C GLU A 240 -0.54 25.90 21.33
N GLY A 241 -1.68 25.97 20.67
CA GLY A 241 -1.77 26.65 19.39
C GLY A 241 -2.13 28.10 19.60
N THR A 242 -1.27 29.00 19.14
CA THR A 242 -1.51 30.42 19.31
C THR A 242 -1.64 31.20 18.01
N ILE A 243 -2.47 32.25 18.04
CA ILE A 243 -2.66 33.14 16.91
C ILE A 243 -2.47 34.52 17.52
N GLY A 244 -1.43 35.23 17.07
CA GLY A 244 -1.17 36.55 17.63
C GLY A 244 -0.85 36.42 19.11
N GLY A 245 -0.30 35.27 19.51
CA GLY A 245 0.05 35.04 20.90
C GLY A 245 -1.06 34.48 21.77
N GLU A 246 -2.29 34.52 21.27
CA GLU A 246 -3.43 34.02 22.04
C GLU A 246 -3.66 32.51 21.85
N VAL A 247 -3.77 31.77 22.94
CA VAL A 247 -3.99 30.34 22.84
C VAL A 247 -5.41 30.11 22.35
N VAL A 248 -5.54 29.49 21.19
CA VAL A 248 -6.86 29.23 20.61
C VAL A 248 -7.17 27.73 20.53
N ARG A 249 -6.17 26.90 20.77
CA ARG A 249 -6.37 25.46 20.73
C ARG A 249 -5.25 24.74 21.47
N GLU A 250 -5.61 23.67 22.17
CA GLU A 250 -4.63 22.88 22.90
C GLU A 250 -4.63 21.43 22.42
N GLY A 251 -3.50 20.75 22.62
CA GLY A 251 -3.39 19.36 22.23
C GLY A 251 -4.04 18.49 23.29
N ALA A 252 -3.79 17.19 23.24
CA ALA A 252 -4.36 16.25 24.20
C ALA A 252 -3.35 15.85 25.27
N TYR A 253 -3.76 15.97 26.52
CA TYR A 253 -2.87 15.66 27.64
C TYR A 253 -3.16 14.30 28.28
N GLY A 254 -3.33 13.28 27.45
CA GLY A 254 -3.60 11.94 27.95
C GLY A 254 -2.35 11.28 28.51
N GLU A 255 -2.54 10.17 29.21
CA GLU A 255 -1.44 9.43 29.81
C GLU A 255 -0.73 8.47 28.86
N LYS A 256 -1.46 7.90 27.91
CA LYS A 256 -0.87 6.94 26.97
C LYS A 256 0.01 7.57 25.90
N ILE A 257 1.28 7.20 25.89
CA ILE A 257 2.24 7.70 24.90
C ILE A 257 2.28 6.73 23.73
N VAL A 258 2.06 7.26 22.52
CA VAL A 258 2.05 6.43 21.32
C VAL A 258 2.70 7.11 20.12
N ALA A 259 2.84 6.34 19.05
CA ALA A 259 3.40 6.82 17.79
C ALA A 259 4.72 7.57 17.91
N ASN A 260 5.64 7.06 18.74
CA ASN A 260 6.94 7.71 18.90
C ASN A 260 7.95 7.06 17.97
N ASP A 261 7.49 6.10 17.17
CA ASP A 261 8.33 5.40 16.22
C ASP A 261 7.54 5.30 14.92
N ILE A 262 7.85 6.18 13.96
CA ILE A 262 7.14 6.21 12.68
C ILE A 262 8.10 6.06 11.50
N SER A 263 7.78 5.13 10.61
CA SER A 263 8.62 4.88 9.44
C SER A 263 7.80 4.52 8.20
N ILE A 264 8.30 4.95 7.04
CA ILE A 264 7.64 4.65 5.77
C ILE A 264 8.62 3.79 4.98
N TRP A 265 8.10 2.76 4.29
CA TRP A 265 8.95 1.85 3.53
C TRP A 265 8.40 1.58 2.13
N LEU A 266 9.32 1.34 1.19
CA LEU A 266 8.92 1.01 -0.17
C LEU A 266 8.25 -0.36 -0.05
N PRO A 267 7.26 -0.66 -0.90
CA PRO A 267 6.71 0.16 -1.99
C PRO A 267 5.75 1.25 -1.54
N GLY A 268 5.48 1.31 -0.24
CA GLY A 268 4.57 2.31 0.28
C GLY A 268 3.76 1.77 1.45
N VAL A 269 4.44 1.48 2.55
CA VAL A 269 3.78 0.96 3.73
C VAL A 269 4.33 1.69 4.96
N LEU A 270 3.43 2.17 5.80
CA LEU A 270 3.79 2.91 7.00
C LEU A 270 3.71 2.03 8.24
N LYS A 271 4.66 2.22 9.16
CA LYS A 271 4.67 1.49 10.42
C LYS A 271 4.64 2.52 11.55
N VAL A 272 3.65 2.42 12.42
CA VAL A 272 3.52 3.33 13.56
C VAL A 272 3.55 2.49 14.83
N ASN A 273 4.53 2.76 15.69
CA ASN A 273 4.68 1.99 16.92
C ASN A 273 5.10 2.86 18.12
N PRO A 274 4.39 2.72 19.25
CA PRO A 274 3.22 1.84 19.43
C PRO A 274 1.95 2.60 19.10
N PHE A 275 0.96 1.91 18.56
CA PHE A 275 -0.30 2.55 18.19
C PHE A 275 -1.28 1.47 17.74
N PRO A 276 -2.58 1.65 18.03
CA PRO A 276 -3.21 2.76 18.74
C PRO A 276 -3.12 2.66 20.27
N ASN A 277 -2.42 1.63 20.75
CA ASN A 277 -2.25 1.43 22.18
C ASN A 277 -0.77 1.15 22.40
N PRO A 278 -0.25 1.48 23.59
CA PRO A 278 1.17 1.27 23.91
C PRO A 278 1.71 -0.15 23.68
N ASP A 279 0.81 -1.12 23.53
CA ASP A 279 1.24 -2.50 23.31
C ASP A 279 0.89 -3.06 21.94
N MET A 280 0.61 -2.17 20.98
CA MET A 280 0.26 -2.58 19.62
C MET A 280 1.05 -1.77 18.60
N MET A 281 0.95 -2.19 17.33
CA MET A 281 1.61 -1.52 16.22
C MET A 281 0.64 -1.44 15.06
N GLN A 282 0.84 -0.48 14.17
CA GLN A 282 -0.01 -0.35 13.00
C GLN A 282 0.84 -0.37 11.75
N PHE A 283 0.43 -1.19 10.79
CA PHE A 283 1.12 -1.31 9.51
C PHE A 283 0.04 -1.04 8.47
N GLU A 284 0.22 -0.04 7.63
CA GLU A 284 -0.78 0.23 6.61
C GLU A 284 -0.16 0.53 5.25
N TRP A 285 -0.74 -0.09 4.22
CA TRP A 285 -0.29 0.06 2.84
C TRP A 285 -1.24 0.97 2.06
N TYR A 286 -0.68 1.64 1.05
CA TYR A 286 -1.45 2.53 0.17
C TYR A 286 -1.10 1.94 -1.20
N VAL A 287 -1.89 0.94 -1.60
CA VAL A 287 -1.65 0.21 -2.84
C VAL A 287 -2.26 0.82 -4.10
N PRO A 288 -1.42 1.07 -5.13
CA PRO A 288 -1.91 1.65 -6.39
C PRO A 288 -2.88 0.74 -7.13
N ILE A 289 -4.08 1.25 -7.43
CA ILE A 289 -5.08 0.49 -8.18
C ILE A 289 -5.00 1.05 -9.60
N ASP A 290 -5.02 2.38 -9.70
CA ASP A 290 -4.86 3.10 -10.96
C ASP A 290 -4.38 4.48 -10.54
N GLU A 291 -4.21 5.40 -11.49
CA GLU A 291 -3.67 6.71 -11.11
C GLU A 291 -4.55 7.54 -10.18
N ASN A 292 -5.82 7.18 -10.04
CA ASN A 292 -6.74 7.93 -9.20
C ASN A 292 -7.21 7.24 -7.93
N THR A 293 -6.79 6.00 -7.73
CA THR A 293 -7.26 5.27 -6.58
C THR A 293 -6.25 4.31 -5.98
N HIS A 294 -6.46 3.98 -4.71
CA HIS A 294 -5.57 3.07 -4.02
C HIS A 294 -6.32 2.23 -3.00
N TYR A 295 -5.73 1.12 -2.62
CA TYR A 295 -6.31 0.28 -1.57
C TYR A 295 -5.70 0.85 -0.30
N TYR A 296 -6.54 1.12 0.69
CA TYR A 296 -6.04 1.60 1.97
C TYR A 296 -6.09 0.33 2.81
N PHE A 297 -4.98 -0.40 2.82
CA PHE A 297 -4.85 -1.68 3.51
C PHE A 297 -4.30 -1.49 4.92
N GLN A 298 -5.21 -1.47 5.90
CA GLN A 298 -4.84 -1.27 7.30
C GLN A 298 -4.69 -2.56 8.11
N THR A 299 -3.64 -2.65 8.91
CA THR A 299 -3.45 -3.81 9.77
C THR A 299 -2.96 -3.33 11.13
N LEU A 300 -3.36 -4.05 12.17
CA LEU A 300 -2.94 -3.76 13.54
C LEU A 300 -2.32 -5.03 14.04
N GLY A 301 -1.12 -4.93 14.59
CA GLY A 301 -0.45 -6.10 15.10
C GLY A 301 -0.22 -6.07 16.59
N LYS A 302 -0.24 -7.25 17.20
CA LYS A 302 -0.01 -7.38 18.65
C LYS A 302 0.52 -8.76 18.94
N PRO A 303 1.67 -8.83 19.62
CA PRO A 303 2.27 -10.13 19.96
C PRO A 303 1.31 -11.00 20.77
N CYS A 304 1.21 -12.27 20.38
CA CYS A 304 0.36 -13.24 21.06
C CYS A 304 1.13 -14.56 21.12
N ALA A 305 1.28 -15.11 22.31
CA ALA A 305 2.02 -16.35 22.50
C ALA A 305 1.17 -17.62 22.40
N ASN A 306 -0.14 -17.49 22.58
CA ASN A 306 -1.02 -18.65 22.51
C ASN A 306 -2.37 -18.33 21.89
N ASP A 307 -3.10 -19.38 21.51
CA ASP A 307 -4.40 -19.23 20.88
C ASP A 307 -5.36 -18.41 21.74
N GLU A 308 -5.18 -18.47 23.06
CA GLU A 308 -6.04 -17.73 23.96
C GLU A 308 -5.86 -16.22 23.79
N GLU A 309 -4.60 -15.80 23.70
CA GLU A 309 -4.31 -14.38 23.52
C GLU A 309 -4.79 -13.90 22.15
N ARG A 310 -4.58 -14.73 21.13
CA ARG A 310 -5.01 -14.38 19.77
C ARG A 310 -6.52 -14.23 19.75
N LYS A 311 -7.21 -15.08 20.48
CA LYS A 311 -8.67 -15.05 20.55
C LYS A 311 -9.19 -13.78 21.20
N LYS A 312 -8.53 -13.35 22.28
CA LYS A 312 -8.96 -12.14 22.97
C LYS A 312 -8.65 -10.90 22.14
N TYR A 313 -7.47 -10.88 21.52
CA TYR A 313 -7.07 -9.76 20.68
C TYR A 313 -8.08 -9.56 19.57
N GLU A 314 -8.47 -10.66 18.94
CA GLU A 314 -9.45 -10.63 17.86
C GLU A 314 -10.74 -9.97 18.37
N GLN A 315 -11.12 -10.30 19.59
CA GLN A 315 -12.34 -9.74 20.18
C GLN A 315 -12.22 -8.25 20.46
N GLU A 316 -11.05 -7.83 20.94
CA GLU A 316 -10.82 -6.42 21.24
C GLU A 316 -10.73 -5.62 19.95
N PHE A 317 -10.12 -6.22 18.93
CA PHE A 317 -9.98 -5.60 17.62
C PHE A 317 -11.35 -5.26 17.06
N GLU A 318 -12.25 -6.24 17.09
CA GLU A 318 -13.59 -6.07 16.58
C GLU A 318 -14.46 -5.09 17.35
N SER A 319 -14.38 -5.15 18.67
CA SER A 319 -15.20 -4.28 19.52
C SER A 319 -14.63 -2.89 19.77
N LYS A 320 -13.31 -2.76 19.72
CA LYS A 320 -12.70 -1.47 20.00
C LYS A 320 -11.78 -0.89 18.92
N TRP A 321 -10.58 -1.47 18.80
CA TRP A 321 -9.58 -1.00 17.86
C TRP A 321 -10.03 -0.70 16.43
N LYS A 322 -10.81 -1.59 15.84
CA LYS A 322 -11.28 -1.37 14.48
C LYS A 322 -12.16 -0.13 14.35
N PRO A 323 -13.24 -0.04 15.15
CA PRO A 323 -14.10 1.14 15.06
C PRO A 323 -13.55 2.43 15.68
N MET A 324 -12.77 2.30 16.74
CA MET A 324 -12.23 3.48 17.42
C MET A 324 -10.96 4.05 16.79
N ALA A 325 -10.09 3.16 16.31
CA ALA A 325 -8.82 3.60 15.71
C ALA A 325 -8.80 3.57 14.19
N LEU A 326 -8.83 2.38 13.62
CA LEU A 326 -8.79 2.25 12.15
C LEU A 326 -9.84 3.14 11.48
N GLU A 327 -10.98 3.28 12.11
CA GLU A 327 -12.03 4.11 11.55
C GLU A 327 -12.13 5.45 12.29
N GLY A 328 -12.31 5.38 13.61
CA GLY A 328 -12.42 6.60 14.40
C GLY A 328 -11.23 7.56 14.31
N PHE A 329 -10.04 7.03 14.07
CA PHE A 329 -8.85 7.87 13.98
C PHE A 329 -8.46 8.14 12.52
N ASN A 330 -8.29 7.08 11.74
CA ASN A 330 -7.88 7.21 10.35
C ASN A 330 -8.91 7.72 9.34
N ASN A 331 -10.19 7.77 9.70
CA ASN A 331 -11.16 8.27 8.74
C ASN A 331 -10.82 9.69 8.29
N ASP A 332 -10.28 10.50 9.19
CA ASP A 332 -9.93 11.86 8.81
C ASP A 332 -8.79 11.87 7.77
N ASP A 333 -7.95 10.84 7.79
CA ASP A 333 -6.85 10.76 6.82
C ASP A 333 -7.41 10.59 5.42
N ILE A 334 -8.54 9.91 5.32
CA ILE A 334 -9.17 9.66 4.04
C ILE A 334 -9.61 10.93 3.31
N TRP A 335 -10.36 11.80 3.98
CA TRP A 335 -10.79 13.00 3.29
C TRP A 335 -9.64 14.00 3.13
N ALA A 336 -8.60 13.86 3.95
CA ALA A 336 -7.44 14.75 3.83
C ALA A 336 -6.74 14.40 2.51
N ARG A 337 -6.59 13.11 2.24
CA ARG A 337 -5.97 12.67 0.98
C ARG A 337 -6.78 13.17 -0.19
N GLU A 338 -8.10 13.02 -0.09
CA GLU A 338 -9.00 13.44 -1.16
C GLU A 338 -8.90 14.94 -1.41
N ALA A 339 -8.66 15.70 -0.35
CA ALA A 339 -8.56 17.15 -0.46
C ALA A 339 -7.33 17.63 -1.25
N MET A 340 -6.32 16.77 -1.38
CA MET A 340 -5.12 17.14 -2.13
C MET A 340 -5.20 16.74 -3.61
N VAL A 341 -6.21 15.96 -3.96
CA VAL A 341 -6.36 15.50 -5.35
C VAL A 341 -6.28 16.60 -6.42
N ASP A 342 -7.11 17.63 -6.26
CA ASP A 342 -7.15 18.72 -7.24
C ASP A 342 -5.81 19.40 -7.52
N PHE A 343 -5.09 19.77 -6.46
CA PHE A 343 -3.81 20.44 -6.60
C PHE A 343 -2.73 19.61 -7.32
N TYR A 344 -2.78 18.29 -7.14
CA TYR A 344 -1.78 17.40 -7.74
C TYR A 344 -2.27 16.73 -9.04
N ALA A 345 -3.54 16.92 -9.36
CA ALA A 345 -4.15 16.28 -10.53
C ALA A 345 -3.44 16.59 -11.86
N ASP A 346 -3.02 17.83 -12.05
CA ASP A 346 -2.34 18.21 -13.28
C ASP A 346 -0.82 18.02 -13.18
N ASP A 347 -0.38 17.29 -12.17
CA ASP A 347 1.04 17.02 -11.95
C ASP A 347 1.83 18.28 -11.56
N LYS A 348 1.15 19.41 -11.40
CA LYS A 348 1.83 20.65 -11.06
C LYS A 348 1.94 20.95 -9.56
N GLY A 349 1.19 20.22 -8.75
CA GLY A 349 1.26 20.43 -7.31
C GLY A 349 2.67 20.11 -6.82
N TRP A 350 3.36 19.22 -7.52
CA TRP A 350 4.73 18.82 -7.14
C TRP A 350 5.71 19.98 -7.22
N VAL A 351 5.39 20.98 -8.04
CA VAL A 351 6.25 22.14 -8.19
C VAL A 351 5.66 23.42 -7.61
N ASN A 352 4.34 23.46 -7.46
CA ASN A 352 3.67 24.65 -6.92
C ASN A 352 3.45 24.65 -5.41
N GLU A 353 3.64 23.50 -4.77
CA GLU A 353 3.49 23.39 -3.32
C GLU A 353 4.55 24.26 -2.63
N ILE A 354 4.26 24.67 -1.39
CA ILE A 354 5.23 25.43 -0.62
C ILE A 354 5.38 24.67 0.69
N LEU A 355 6.46 23.93 0.81
CA LEU A 355 6.68 23.11 2.00
C LEU A 355 7.30 23.86 3.17
N PHE A 356 7.15 23.30 4.37
CA PHE A 356 7.92 23.94 5.41
C PHE A 356 8.61 22.88 6.24
N GLU A 357 9.22 23.25 7.36
CA GLU A 357 10.12 22.37 8.09
C GLU A 357 9.80 20.88 8.26
N SER A 358 8.66 20.57 8.86
CA SER A 358 8.30 19.16 9.09
C SER A 358 8.23 18.32 7.82
N ASP A 359 8.11 18.98 6.66
CA ASP A 359 8.03 18.26 5.39
C ASP A 359 9.35 17.59 5.01
N GLU A 360 10.39 17.84 5.79
CA GLU A 360 11.69 17.23 5.52
C GLU A 360 11.51 15.71 5.45
N ALA A 361 10.60 15.19 6.26
CA ALA A 361 10.31 13.77 6.30
C ALA A 361 9.78 13.31 4.93
N ILE A 362 8.85 14.08 4.39
CA ILE A 362 8.25 13.76 3.10
C ILE A 362 9.30 13.87 1.99
N VAL A 363 10.15 14.90 2.06
CA VAL A 363 11.20 15.06 1.06
C VAL A 363 12.16 13.88 1.12
N ALA A 364 12.47 13.44 2.33
CA ALA A 364 13.38 12.29 2.50
C ALA A 364 12.78 11.05 1.84
N TRP A 365 11.47 10.88 1.99
CA TRP A 365 10.79 9.73 1.40
C TRP A 365 10.79 9.81 -0.12
N ARG A 366 10.53 11.00 -0.66
CA ARG A 366 10.47 11.16 -2.11
C ARG A 366 11.83 10.85 -2.72
N LYS A 367 12.89 11.16 -1.99
CA LYS A 367 14.24 10.89 -2.47
C LYS A 367 14.54 9.39 -2.38
N LEU A 368 14.21 8.77 -1.25
CA LEU A 368 14.46 7.34 -1.09
C LEU A 368 13.66 6.53 -2.11
N ALA A 369 12.40 6.90 -2.30
CA ALA A 369 11.53 6.21 -3.25
C ALA A 369 12.10 6.35 -4.67
N SER A 370 12.58 7.55 -4.99
CA SER A 370 13.14 7.80 -6.31
C SER A 370 14.38 6.97 -6.57
N GLU A 371 15.20 6.80 -5.55
CA GLU A 371 16.45 6.06 -5.68
C GLU A 371 16.39 4.55 -5.49
N HIS A 372 15.45 4.06 -4.69
CA HIS A 372 15.39 2.62 -4.43
C HIS A 372 14.19 1.82 -4.95
N ASN A 373 13.32 2.43 -5.73
CA ASN A 373 12.18 1.71 -6.27
C ASN A 373 12.71 0.68 -7.28
N GLN A 374 11.95 -0.39 -7.50
CA GLN A 374 12.39 -1.43 -8.42
C GLN A 374 11.81 -1.32 -9.82
N GLY A 375 11.30 -0.15 -10.17
CA GLY A 375 10.73 0.04 -11.50
C GLY A 375 9.50 0.91 -11.53
N ILE A 376 9.35 1.66 -12.62
CA ILE A 376 8.22 2.55 -12.78
C ILE A 376 7.16 1.92 -13.69
N GLN A 377 5.97 1.69 -13.14
CA GLN A 377 4.88 1.10 -13.92
C GLN A 377 4.42 2.13 -14.95
N THR A 378 4.24 1.68 -16.19
CA THR A 378 3.81 2.56 -17.27
C THR A 378 2.57 2.02 -17.96
N GLN A 379 1.93 2.86 -18.78
CA GLN A 379 0.75 2.45 -19.52
C GLN A 379 1.11 1.33 -20.49
N ALA A 380 2.39 1.29 -20.87
CA ALA A 380 2.88 0.25 -21.76
C ALA A 380 2.74 -1.09 -21.04
N HIS A 381 3.08 -1.12 -19.76
CA HIS A 381 2.97 -2.33 -18.98
C HIS A 381 1.50 -2.76 -18.92
N VAL A 382 0.63 -1.78 -18.77
CA VAL A 382 -0.81 -2.05 -18.68
C VAL A 382 -1.44 -2.54 -19.98
N SER A 383 -1.21 -1.82 -21.08
CA SER A 383 -1.79 -2.20 -22.36
C SER A 383 -1.13 -3.44 -22.94
N GLY A 384 0.05 -3.78 -22.44
CA GLY A 384 0.75 -4.97 -22.91
C GLY A 384 1.74 -4.72 -24.03
N LEU A 385 2.53 -5.74 -24.35
CA LEU A 385 3.51 -5.62 -25.42
C LEU A 385 2.84 -5.80 -26.77
N GLU A 386 3.14 -4.89 -27.70
CA GLU A 386 2.56 -4.91 -29.03
C GLU A 386 3.02 -6.09 -29.88
N HIS A 387 2.25 -6.37 -30.93
CA HIS A 387 2.57 -7.46 -31.85
C HIS A 387 2.85 -6.82 -33.21
N HIS A 388 3.89 -7.31 -33.88
CA HIS A 388 4.30 -6.80 -35.18
C HIS A 388 5.01 -5.45 -35.03
N HIS A 389 5.02 -4.93 -33.81
CA HIS A 389 5.66 -3.64 -33.50
C HIS A 389 5.72 -2.70 -34.69
#